data_8FPQ
#
_entry.id   8FPQ
#
_cell.length_a   62.414
_cell.length_b   70.369
_cell.length_c   150.829
_cell.angle_alpha   90.00
_cell.angle_beta   90.00
_cell.angle_gamma   90.00
#
_symmetry.space_group_name_H-M   'P 21 21 21'
#
loop_
_entity.id
_entity.type
_entity.pdbx_description
1 polymer 'Proprotein convertase subtilisin/kexin type 9'
2 polymer 'Proprotein convertase subtilisin/kexin type 9'
3 polymer 'MCR-PHE-VAL-PRO-THR-THR-BIF-MAA-BIF-MAA-GLU-ALA-PRO-ALA-NEH inhibitor'
4 non-polymer 'CALCIUM ION'
5 water water
#
loop_
_entity_poly.entity_id
_entity_poly.type
_entity_poly.pdbx_seq_one_letter_code
_entity_poly.pdbx_strand_id
1 'polypeptide(L)'
;TATFHRCAKDPWRLPGTYVVVLKEETHLSQSERTARRLQAQAARRGYLTKILHVFHGLLPGFLVKMSGDLLELALKLPHV
DYIEEDSSVFAQ
;
A
2 'polypeptide(L)'
;SIPWNLERITPPRYRADEYQPPDGGSLVEVYLLDTSIQSDHREIEGRVMVTDFENVPEEDGTRFHRQASKCDSHGTHLAG
VVSGRDAGVAKGASMRSLRVLNCQGKGTVSGTLIGLEFIRKSQLVQPVGPLVVLLPLAGGYSRVLNAACQRLARAGVVLV
TAAGNFRDDACLYSPASAPEVITVGATNAQDQPVTLGTLGTNFGRCVDLFAPGEDIIGASSDCSTCFVSQSGTSQAAAHV
AGIAAMMLSAEPELTLAELRQRLIHFSAKDVINEAWFPEDQRVLTPNLVAALPPSTHGAGWQLFCRTVWSAHSGPTRMAT
AIARCAPDEELLSCSSFSRSGKRRGERMEAQGGKLVCRAHNAFGGEGVYAIARCCLLPQANCSVHTAPPAEASMGTRVHC
HQQGHVLTGCSSHWEVEDLGTHKPPVLRPRGQPNQCVGHREASIHASCCHAPGLECKVKEHGIPAPQEQVTVACEEGWTL
TGCSALPGTSHVLGAYAVDNTCVVRSRDVSTTGSTSEGAVTAVAICCRSR
;
B
3 'polypeptide(L)' (MCR)FVPTT(BIF)(MAA)(BIF)(MAA)EAPA(NEH) L
#
loop_
_chem_comp.id
_chem_comp.type
_chem_comp.name
_chem_comp.formula
CA non-polymer 'CALCIUM ION' 'Ca 2'
MCR non-polymer 'SULFANYLACETIC ACID' 'C2 H4 O2 S'
NEH non-polymer ETHANAMINE 'C2 H7 N'
#
# COMPACT_ATOMS: atom_id res chain seq x y z
N THR A 1 7.72 25.28 14.21
CA THR A 1 7.71 23.82 14.11
C THR A 1 6.42 23.29 13.50
N ALA A 2 5.30 23.91 13.84
CA ALA A 2 3.98 23.49 13.34
C ALA A 2 3.79 23.82 11.87
N THR A 3 3.31 22.87 11.08
CA THR A 3 3.15 23.11 9.66
C THR A 3 1.68 23.08 9.20
N PHE A 4 1.45 23.68 8.03
CA PHE A 4 0.15 23.79 7.39
C PHE A 4 0.16 23.02 6.08
N HIS A 5 -0.90 22.30 5.82
CA HIS A 5 -1.01 21.49 4.62
C HIS A 5 -2.41 21.67 3.99
N ARG A 6 -2.47 21.77 2.67
CA ARG A 6 -3.74 21.84 1.96
C ARG A 6 -3.59 20.95 0.71
N CYS A 7 -4.71 20.39 0.27
CA CYS A 7 -4.71 19.50 -0.89
C CYS A 7 -4.09 20.18 -2.13
N ALA A 8 -3.19 19.47 -2.79
CA ALA A 8 -2.53 19.96 -4.00
C ALA A 8 -3.49 20.03 -5.19
N LYS A 9 -4.57 19.27 -5.14
CA LYS A 9 -5.53 19.30 -6.22
C LYS A 9 -6.58 20.33 -5.86
N ASP A 10 -6.44 21.52 -6.42
CA ASP A 10 -7.29 22.67 -6.14
C ASP A 10 -8.82 22.49 -6.16
N PRO A 11 -9.38 21.82 -7.19
CA PRO A 11 -10.83 21.65 -7.13
C PRO A 11 -11.33 20.79 -5.98
N TRP A 12 -10.43 20.07 -5.32
CA TRP A 12 -10.74 19.17 -4.17
C TRP A 12 -10.64 19.77 -2.77
N ARG A 13 -10.19 21.00 -2.70
CA ARG A 13 -10.02 21.68 -1.41
C ARG A 13 -11.31 22.13 -0.78
N LEU A 14 -11.36 22.09 0.56
CA LEU A 14 -12.52 22.57 1.29
C LEU A 14 -12.14 23.66 2.29
N PRO A 15 -11.81 24.86 1.78
CA PRO A 15 -11.39 25.96 2.67
C PRO A 15 -12.45 26.20 3.76
N GLY A 16 -12.03 26.71 4.92
CA GLY A 16 -12.93 27.03 6.02
C GLY A 16 -13.08 25.94 7.06
N THR A 17 -12.55 24.74 6.77
CA THR A 17 -12.58 23.63 7.72
C THR A 17 -11.17 23.05 7.81
N TYR A 18 -10.71 22.89 9.04
CA TYR A 18 -9.33 22.48 9.31
C TYR A 18 -9.23 21.37 10.31
N VAL A 19 -8.32 20.45 10.02
CA VAL A 19 -8.00 19.42 10.98
C VAL A 19 -6.74 19.88 11.70
N VAL A 20 -6.91 20.17 12.98
CA VAL A 20 -5.78 20.57 13.82
C VAL A 20 -5.22 19.35 14.54
N VAL A 21 -4.03 18.91 14.16
CA VAL A 21 -3.37 17.75 14.77
C VAL A 21 -2.37 18.14 15.84
N LEU A 22 -2.53 17.54 17.03
CA LEU A 22 -1.63 17.82 18.13
C LEU A 22 -0.53 16.78 18.24
N LYS A 23 0.49 17.10 19.03
CA LYS A 23 1.59 16.19 19.26
C LYS A 23 1.09 14.90 19.88
N GLU A 24 1.63 13.78 19.43
CA GLU A 24 1.18 12.42 19.79
C GLU A 24 0.81 12.08 21.27
N GLU A 25 1.50 12.68 22.23
CA GLU A 25 1.24 12.37 23.64
C GLU A 25 0.14 13.20 24.24
N THR A 26 -0.46 14.09 23.45
CA THR A 26 -1.47 14.99 23.98
C THR A 26 -2.69 14.22 24.43
N HIS A 27 -3.10 14.49 25.67
CA HIS A 27 -4.26 13.87 26.28
C HIS A 27 -5.51 14.56 25.78
N LEU A 28 -6.61 13.82 25.72
CA LEU A 28 -7.90 14.38 25.28
C LEU A 28 -8.28 15.68 25.99
N SER A 29 -7.89 15.82 27.25
CA SER A 29 -8.19 17.02 28.05
C SER A 29 -7.46 18.24 27.48
N GLN A 30 -6.22 18.03 27.03
CA GLN A 30 -5.42 19.09 26.45
C GLN A 30 -5.99 19.47 25.08
N SER A 31 -6.42 18.48 24.28
CA SER A 31 -7.02 18.78 22.99
C SER A 31 -8.23 19.68 23.17
N GLU A 32 -9.09 19.36 24.12
CA GLU A 32 -10.24 20.21 24.38
C GLU A 32 -9.85 21.62 24.84
N ARG A 33 -8.85 21.73 25.71
CA ARG A 33 -8.41 23.04 26.18
C ARG A 33 -7.78 23.88 25.09
N THR A 34 -7.00 23.23 24.23
CA THR A 34 -6.39 23.89 23.10
C THR A 34 -7.45 24.42 22.14
N ALA A 35 -8.49 23.62 21.91
CA ALA A 35 -9.59 24.03 21.04
C ALA A 35 -10.36 25.21 21.64
N ARG A 36 -10.59 25.18 22.95
CA ARG A 36 -11.30 26.29 23.62
C ARG A 36 -10.45 27.55 23.59
N ARG A 37 -9.13 27.38 23.69
CA ARG A 37 -8.16 28.48 23.64
C ARG A 37 -8.25 29.20 22.29
N LEU A 38 -8.30 28.40 21.22
CA LEU A 38 -8.44 28.88 19.86
C LEU A 38 -9.71 29.69 19.74
N GLN A 39 -10.81 29.11 20.15
CA GLN A 39 -12.12 29.76 20.11
C GLN A 39 -12.11 31.13 20.80
N ALA A 40 -11.50 31.16 21.98
CA ALA A 40 -11.41 32.39 22.77
C ALA A 40 -10.53 33.47 22.14
N GLN A 41 -9.41 33.06 21.57
CA GLN A 41 -8.49 33.98 20.93
C GLN A 41 -9.13 34.49 19.63
N ALA A 42 -9.83 33.60 18.94
CA ALA A 42 -10.57 33.96 17.76
C ALA A 42 -11.66 35.00 18.07
N ALA A 43 -12.45 34.73 19.10
CA ALA A 43 -13.53 35.61 19.56
C ALA A 43 -13.01 37.02 19.83
N ARG A 44 -11.86 37.11 20.48
CA ARG A 44 -11.22 38.39 20.78
C ARG A 44 -10.88 39.18 19.52
N ARG A 45 -10.82 38.48 18.38
CA ARG A 45 -10.48 39.09 17.10
CA ARG A 45 -10.49 39.10 17.10
C ARG A 45 -11.69 39.30 16.19
N GLY A 46 -12.87 38.98 16.70
CA GLY A 46 -14.10 39.15 15.96
C GLY A 46 -14.45 38.02 15.04
N TYR A 47 -13.82 36.87 15.26
CA TYR A 47 -14.07 35.69 14.46
C TYR A 47 -14.93 34.65 15.16
N LEU A 48 -15.93 34.15 14.44
CA LEU A 48 -16.72 33.03 14.95
C LEU A 48 -16.06 31.71 14.59
N THR A 49 -16.02 30.77 15.53
CA THR A 49 -15.44 29.47 15.25
C THR A 49 -16.36 28.40 15.78
N LYS A 50 -16.31 27.23 15.18
CA LYS A 50 -17.12 26.11 15.62
C LYS A 50 -16.26 24.86 15.69
N ILE A 51 -16.23 24.24 16.86
CA ILE A 51 -15.49 23.01 17.05
C ILE A 51 -16.42 21.85 16.65
N LEU A 52 -16.17 21.24 15.49
CA LEU A 52 -17.04 20.16 15.01
C LEU A 52 -16.82 18.78 15.66
N HIS A 53 -15.59 18.50 16.05
CA HIS A 53 -15.21 17.21 16.58
C HIS A 53 -13.87 17.32 17.29
N VAL A 54 -13.71 16.58 18.41
CA VAL A 54 -12.42 16.49 19.09
C VAL A 54 -11.92 15.04 18.86
N PHE A 55 -10.72 14.88 18.31
CA PHE A 55 -10.18 13.53 18.06
C PHE A 55 -9.41 12.91 19.20
N HIS A 56 -9.58 11.60 19.40
CA HIS A 56 -8.78 10.88 20.41
C HIS A 56 -8.95 9.40 20.07
N GLY A 57 -7.88 8.63 20.15
CA GLY A 57 -7.96 7.22 19.84
C GLY A 57 -7.01 6.85 18.71
N LEU A 58 -6.98 7.66 17.67
CA LEU A 58 -6.00 7.45 16.60
C LEU A 58 -5.02 8.60 16.79
N LEU A 59 -5.44 9.81 16.42
CA LEU A 59 -4.65 11.01 16.55
C LEU A 59 -5.31 12.00 17.51
N PRO A 60 -4.50 12.68 18.35
CA PRO A 60 -5.09 13.74 19.18
C PRO A 60 -5.35 14.99 18.32
N GLY A 61 -6.34 15.81 18.63
CA GLY A 61 -6.57 17.00 17.83
C GLY A 61 -8.04 17.29 17.67
N PHE A 62 -8.40 18.18 16.75
CA PHE A 62 -9.80 18.51 16.63
C PHE A 62 -10.12 19.08 15.24
N LEU A 63 -11.41 19.12 14.92
CA LEU A 63 -11.89 19.65 13.66
C LEU A 63 -12.54 21.00 13.96
N VAL A 64 -12.12 22.05 13.27
CA VAL A 64 -12.64 23.41 13.51
C VAL A 64 -13.11 24.10 12.22
N LYS A 65 -14.28 24.72 12.30
CA LYS A 65 -14.80 25.53 11.20
C LYS A 65 -14.51 26.96 11.55
N MET A 66 -13.67 27.59 10.72
CA MET A 66 -13.18 28.96 10.91
C MET A 66 -12.54 29.54 9.65
N SER A 67 -12.29 30.85 9.69
CA SER A 67 -11.58 31.54 8.61
C SER A 67 -10.10 31.12 8.60
N GLY A 68 -9.55 31.02 7.39
CA GLY A 68 -8.14 30.73 7.20
C GLY A 68 -7.27 31.78 7.86
N ASP A 69 -7.80 33.00 8.00
CA ASP A 69 -7.08 34.10 8.68
C ASP A 69 -6.50 33.70 10.02
N LEU A 70 -7.13 32.71 10.66
CA LEU A 70 -6.74 32.28 12.01
C LEU A 70 -5.62 31.24 12.06
N LEU A 71 -5.18 30.75 10.90
CA LEU A 71 -4.13 29.72 10.85
C LEU A 71 -2.82 30.13 11.54
N GLU A 72 -2.38 31.34 11.31
CA GLU A 72 -1.13 31.78 11.95
C GLU A 72 -1.29 31.70 13.46
N LEU A 73 -2.46 32.12 13.98
CA LEU A 73 -2.75 31.99 15.42
C LEU A 73 -2.81 30.54 15.89
N ALA A 74 -3.60 29.72 15.19
CA ALA A 74 -3.76 28.32 15.54
C ALA A 74 -2.43 27.56 15.49
N LEU A 75 -1.56 27.94 14.56
CA LEU A 75 -0.25 27.30 14.48
C LEU A 75 0.62 27.61 15.67
N LYS A 76 0.31 28.68 16.40
CA LYS A 76 1.08 29.05 17.57
C LYS A 76 0.54 28.45 18.86
N LEU A 77 -0.60 27.76 18.79
CA LEU A 77 -1.19 27.16 19.99
C LEU A 77 -0.31 26.06 20.58
N PRO A 78 -0.37 25.86 21.90
CA PRO A 78 0.46 24.79 22.46
C PRO A 78 0.03 23.41 21.95
N HIS A 79 0.99 22.50 21.89
CA HIS A 79 0.79 21.09 21.51
C HIS A 79 0.51 20.87 20.03
N VAL A 80 0.37 21.94 19.23
CA VAL A 80 0.09 21.77 17.78
C VAL A 80 1.25 21.14 17.00
N ASP A 81 0.94 20.08 16.25
CA ASP A 81 1.90 19.38 15.37
C ASP A 81 1.77 19.93 13.95
N TYR A 82 0.57 19.87 13.39
CA TYR A 82 0.36 20.41 12.07
C TYR A 82 -1.12 20.63 11.88
N ILE A 83 -1.47 21.43 10.89
CA ILE A 83 -2.86 21.70 10.62
C ILE A 83 -3.07 21.39 9.16
N GLU A 84 -4.19 20.78 8.82
CA GLU A 84 -4.46 20.45 7.44
C GLU A 84 -5.86 20.89 7.02
N GLU A 85 -5.95 21.62 5.91
CA GLU A 85 -7.24 22.03 5.38
C GLU A 85 -8.02 20.80 4.89
N ASP A 86 -9.31 20.76 5.21
CA ASP A 86 -10.17 19.68 4.80
C ASP A 86 -10.25 19.60 3.28
N SER A 87 -10.42 18.38 2.77
CA SER A 87 -10.51 18.16 1.33
C SER A 87 -11.45 16.99 1.03
N SER A 88 -11.85 16.90 -0.23
CA SER A 88 -12.83 15.92 -0.72
C SER A 88 -12.27 14.50 -0.97
N VAL A 89 -13.09 13.49 -0.72
CA VAL A 89 -12.73 12.13 -1.11
C VAL A 89 -13.88 11.68 -2.00
N PHE A 90 -13.62 10.68 -2.85
CA PHE A 90 -14.58 10.22 -3.84
C PHE A 90 -14.58 8.69 -3.92
N ALA A 91 -15.77 8.16 -4.21
CA ALA A 91 -15.98 6.75 -4.47
C ALA A 91 -15.12 6.29 -5.63
N GLN A 92 -14.28 5.28 -5.42
CA GLN A 92 -13.45 4.77 -6.51
C GLN A 92 -13.97 3.43 -7.03
N SER B 1 -20.99 -19.51 -16.25
CA SER B 1 -21.96 -19.43 -15.17
C SER B 1 -21.29 -18.94 -13.87
N ILE B 2 -19.96 -18.92 -13.85
CA ILE B 2 -19.17 -18.40 -12.71
C ILE B 2 -18.62 -17.11 -13.29
N PRO B 3 -18.88 -15.97 -12.65
CA PRO B 3 -18.34 -14.72 -13.22
C PRO B 3 -16.82 -14.76 -13.36
N TRP B 4 -16.36 -14.20 -14.48
CA TRP B 4 -14.95 -14.21 -14.86
C TRP B 4 -14.05 -13.83 -13.68
N ASN B 5 -14.44 -12.80 -12.93
CA ASN B 5 -13.62 -12.30 -11.81
C ASN B 5 -13.41 -13.32 -10.70
N LEU B 6 -14.45 -14.06 -10.37
CA LEU B 6 -14.36 -15.08 -9.34
C LEU B 6 -13.57 -16.28 -9.84
N GLU B 7 -13.64 -16.58 -11.13
CA GLU B 7 -12.82 -17.66 -11.66
C GLU B 7 -11.33 -17.25 -11.68
N ARG B 8 -11.09 -16.01 -12.05
CA ARG B 8 -9.75 -15.45 -12.15
C ARG B 8 -8.98 -15.52 -10.80
N ILE B 9 -9.67 -15.32 -9.68
CA ILE B 9 -8.99 -15.34 -8.39
C ILE B 9 -8.92 -16.73 -7.78
N THR B 10 -9.49 -17.71 -8.45
CA THR B 10 -9.44 -19.10 -8.00
C THR B 10 -8.08 -19.69 -8.44
N PRO B 11 -7.28 -20.21 -7.50
CA PRO B 11 -6.00 -20.77 -7.93
C PRO B 11 -6.17 -22.06 -8.78
N PRO B 12 -5.11 -22.49 -9.50
CA PRO B 12 -5.12 -23.66 -10.39
C PRO B 12 -5.39 -25.00 -9.69
N ARG B 13 -5.27 -25.03 -8.38
CA ARG B 13 -5.62 -26.17 -7.58
C ARG B 13 -6.41 -25.60 -6.42
N TYR B 14 -7.65 -26.02 -6.25
CA TYR B 14 -8.44 -25.42 -5.20
C TYR B 14 -9.39 -26.38 -4.54
N ARG B 15 -9.80 -26.04 -3.31
CA ARG B 15 -10.72 -26.86 -2.54
C ARG B 15 -12.08 -26.18 -2.48
N SER B 26 -15.27 -15.20 8.68
CA SER B 26 -16.10 -15.85 9.68
C SER B 26 -15.78 -15.31 11.09
N LEU B 27 -14.61 -15.65 11.65
CA LEU B 27 -14.20 -15.05 12.92
C LEU B 27 -13.63 -13.64 12.60
N VAL B 28 -13.75 -13.25 11.34
CA VAL B 28 -13.28 -11.99 10.78
C VAL B 28 -14.46 -11.05 10.53
N GLU B 29 -14.25 -9.77 10.79
CA GLU B 29 -15.27 -8.77 10.49
C GLU B 29 -14.70 -7.80 9.46
N VAL B 30 -15.47 -7.47 8.43
CA VAL B 30 -15.09 -6.52 7.38
C VAL B 30 -15.84 -5.20 7.51
N TYR B 31 -15.13 -4.11 7.75
CA TYR B 31 -15.79 -2.81 7.79
C TYR B 31 -15.78 -2.12 6.42
N LEU B 32 -16.86 -1.42 6.08
CA LEU B 32 -16.96 -0.73 4.79
C LEU B 32 -17.30 0.75 5.01
N LEU B 33 -16.45 1.61 4.46
CA LEU B 33 -16.61 3.07 4.53
C LEU B 33 -17.05 3.51 3.17
N ASP B 34 -18.34 3.75 3.02
CA ASP B 34 -18.91 4.01 1.71
C ASP B 34 -20.14 4.92 1.72
N THR B 35 -20.96 4.70 0.69
CA THR B 35 -22.25 5.34 0.51
C THR B 35 -23.19 4.55 1.40
N SER B 36 -24.45 4.92 1.38
CA SER B 36 -25.46 4.17 2.07
C SER B 36 -25.47 2.77 1.50
N ILE B 37 -26.03 1.83 2.24
CA ILE B 37 -26.09 0.45 1.77
C ILE B 37 -27.54 0.01 1.72
N GLN B 38 -27.92 -0.77 0.72
CA GLN B 38 -29.24 -1.36 0.75
C GLN B 38 -29.07 -2.70 1.48
N SER B 39 -29.09 -2.65 2.80
CA SER B 39 -28.84 -3.84 3.62
C SER B 39 -29.79 -5.03 3.48
N ASP B 40 -31.00 -4.83 2.95
CA ASP B 40 -31.90 -5.98 2.80
C ASP B 40 -31.77 -6.69 1.43
N HIS B 41 -30.85 -6.25 0.57
CA HIS B 41 -30.67 -6.91 -0.72
C HIS B 41 -30.34 -8.38 -0.43
N ARG B 42 -30.98 -9.29 -1.15
CA ARG B 42 -30.80 -10.73 -0.96
C ARG B 42 -29.34 -11.23 -1.02
N GLU B 43 -28.47 -10.50 -1.71
CA GLU B 43 -27.06 -10.87 -1.74
C GLU B 43 -26.34 -10.77 -0.41
N ILE B 44 -26.72 -9.77 0.36
CA ILE B 44 -26.01 -9.43 1.58
C ILE B 44 -26.86 -9.38 2.84
N GLU B 45 -28.18 -9.45 2.67
CA GLU B 45 -29.09 -9.40 3.83
C GLU B 45 -28.73 -10.42 4.89
N GLY B 46 -28.67 -9.94 6.13
CA GLY B 46 -28.31 -10.76 7.27
C GLY B 46 -26.82 -10.87 7.55
N ARG B 47 -25.97 -10.39 6.64
CA ARG B 47 -24.53 -10.49 6.88
C ARG B 47 -23.89 -9.10 6.96
N VAL B 48 -24.66 -8.06 6.66
CA VAL B 48 -24.17 -6.69 6.81
C VAL B 48 -24.92 -5.97 7.92
N MET B 49 -24.16 -5.41 8.86
CA MET B 49 -24.74 -4.63 9.94
C MET B 49 -24.49 -3.13 9.65
N VAL B 50 -25.56 -2.35 9.49
CA VAL B 50 -25.41 -0.92 9.25
C VAL B 50 -25.18 -0.23 10.62
N THR B 51 -24.01 0.40 10.79
CA THR B 51 -23.66 1.06 12.06
C THR B 51 -24.46 2.32 12.36
N ASP B 52 -24.99 2.91 11.29
CA ASP B 52 -25.69 4.18 11.37
C ASP B 52 -24.72 5.32 11.72
N PHE B 53 -23.42 5.05 11.63
CA PHE B 53 -22.48 6.14 11.67
C PHE B 53 -22.64 6.87 10.36
N GLU B 54 -22.82 8.17 10.42
CA GLU B 54 -22.95 8.94 9.19
C GLU B 54 -22.22 10.27 9.28
N ASN B 55 -21.26 10.47 8.39
CA ASN B 55 -20.59 11.78 8.27
C ASN B 55 -20.30 12.10 6.79
N VAL B 56 -21.19 12.87 6.14
CA VAL B 56 -21.09 13.15 4.71
C VAL B 56 -21.29 14.65 4.46
N PRO B 57 -20.68 15.19 3.39
CA PRO B 57 -20.99 16.60 3.09
C PRO B 57 -22.32 16.74 2.35
N GLU B 58 -22.99 17.89 2.44
CA GLU B 58 -24.25 18.10 1.72
C GLU B 58 -24.08 17.95 0.21
N GLU B 59 -25.12 17.49 -0.49
CA GLU B 59 -25.01 17.35 -1.94
C GLU B 59 -25.14 18.73 -2.58
N ASP B 60 -24.33 18.97 -3.60
CA ASP B 60 -24.34 20.25 -4.30
C ASP B 60 -25.30 20.28 -5.49
N ALA B 68 -32.21 8.36 -5.35
CA ALA B 68 -32.34 7.68 -4.07
C ALA B 68 -31.76 6.28 -4.21
N SER B 69 -32.02 5.65 -5.35
CA SER B 69 -31.46 4.32 -5.63
C SER B 69 -30.01 4.55 -6.03
N LYS B 70 -29.74 5.80 -6.42
CA LYS B 70 -28.42 6.31 -6.73
C LYS B 70 -27.53 6.40 -5.50
N CYS B 71 -28.15 6.77 -4.39
CA CYS B 71 -27.50 6.94 -3.09
C CYS B 71 -26.75 5.73 -2.58
N ASP B 72 -27.18 4.52 -2.92
CA ASP B 72 -26.58 3.36 -2.29
C ASP B 72 -26.03 2.34 -3.29
N SER B 73 -25.96 2.75 -4.53
CA SER B 73 -25.50 1.89 -5.61
C SER B 73 -24.01 1.44 -5.38
N HIS B 74 -23.12 2.39 -5.10
CA HIS B 74 -21.70 2.12 -4.93
C HIS B 74 -21.47 1.16 -3.74
N GLY B 75 -21.91 1.57 -2.57
CA GLY B 75 -21.79 0.76 -1.37
C GLY B 75 -22.41 -0.63 -1.43
N THR B 76 -23.63 -0.73 -1.97
CA THR B 76 -24.34 -2.03 -2.08
C THR B 76 -23.59 -2.99 -2.99
N HIS B 77 -23.08 -2.48 -4.11
CA HIS B 77 -22.34 -3.31 -5.05
C HIS B 77 -21.06 -3.88 -4.38
N LEU B 78 -20.35 -3.04 -3.66
CA LEU B 78 -19.10 -3.45 -3.01
C LEU B 78 -19.32 -4.45 -1.86
N ALA B 79 -20.33 -4.19 -1.03
CA ALA B 79 -20.69 -5.15 0.01
C ALA B 79 -20.94 -6.49 -0.66
N GLY B 80 -21.59 -6.46 -1.82
CA GLY B 80 -21.82 -7.69 -2.53
C GLY B 80 -20.59 -8.38 -3.07
N VAL B 81 -19.63 -7.61 -3.57
CA VAL B 81 -18.39 -8.18 -4.07
C VAL B 81 -17.66 -8.86 -2.93
N VAL B 82 -17.63 -8.21 -1.76
CA VAL B 82 -16.94 -8.78 -0.60
C VAL B 82 -17.61 -10.07 -0.08
N SER B 83 -18.92 -10.03 0.15
CA SER B 83 -19.59 -11.10 0.88
C SER B 83 -20.90 -11.64 0.29
N GLY B 84 -21.24 -11.23 -0.92
CA GLY B 84 -22.49 -11.67 -1.56
C GLY B 84 -22.66 -13.18 -1.71
N ARG B 85 -23.87 -13.66 -1.40
CA ARG B 85 -24.22 -15.09 -1.48
C ARG B 85 -23.85 -15.75 -2.80
N ASP B 86 -24.12 -15.09 -3.92
CA ASP B 86 -23.86 -15.68 -5.23
C ASP B 86 -22.64 -15.11 -5.95
N ALA B 87 -22.39 -13.80 -5.78
CA ALA B 87 -21.32 -13.16 -6.52
C ALA B 87 -20.21 -12.61 -5.62
N GLY B 88 -20.24 -12.98 -4.34
CA GLY B 88 -19.25 -12.57 -3.38
C GLY B 88 -17.96 -13.40 -3.36
N VAL B 89 -16.86 -12.78 -2.93
CA VAL B 89 -15.58 -13.44 -2.76
C VAL B 89 -15.57 -14.28 -1.50
N ALA B 90 -15.91 -13.65 -0.38
CA ALA B 90 -15.90 -14.34 0.91
C ALA B 90 -17.38 -14.46 1.31
N LYS B 91 -18.09 -15.37 0.64
CA LYS B 91 -19.54 -15.55 0.86
C LYS B 91 -20.04 -15.63 2.32
N GLY B 92 -19.26 -16.15 3.24
CA GLY B 92 -19.69 -16.18 4.63
C GLY B 92 -19.17 -15.04 5.51
N ALA B 93 -18.79 -13.92 4.90
CA ALA B 93 -18.19 -12.80 5.64
C ALA B 93 -19.22 -11.84 6.23
N SER B 94 -19.05 -11.55 7.51
CA SER B 94 -19.91 -10.60 8.19
C SER B 94 -19.35 -9.18 8.04
N MET B 95 -20.24 -8.22 7.73
CA MET B 95 -19.80 -6.86 7.53
C MET B 95 -20.50 -5.83 8.39
N ARG B 96 -19.83 -4.69 8.52
CA ARG B 96 -20.33 -3.53 9.22
C ARG B 96 -20.11 -2.29 8.33
N SER B 97 -21.12 -1.46 8.14
CA SER B 97 -20.92 -0.32 7.25
C SER B 97 -20.99 1.06 7.91
N LEU B 98 -20.15 1.97 7.41
CA LEU B 98 -20.13 3.35 7.84
C LEU B 98 -20.43 4.21 6.63
N ARG B 99 -21.24 5.23 6.81
CA ARG B 99 -21.56 6.13 5.72
C ARG B 99 -20.69 7.37 5.71
N VAL B 100 -19.75 7.44 4.78
CA VAL B 100 -18.83 8.58 4.65
C VAL B 100 -18.88 9.24 3.30
N LEU B 101 -19.66 8.67 2.39
CA LEU B 101 -19.83 9.25 1.05
C LEU B 101 -21.29 9.60 0.85
N ASN B 102 -21.56 10.80 0.33
CA ASN B 102 -22.95 11.17 0.16
C ASN B 102 -23.57 10.55 -1.09
N CYS B 103 -24.77 10.98 -1.45
CA CYS B 103 -25.50 10.42 -2.60
C CYS B 103 -24.82 10.64 -3.95
N GLN B 104 -23.93 11.61 -3.99
CA GLN B 104 -23.13 11.84 -5.20
C GLN B 104 -21.75 11.15 -5.16
N GLY B 105 -21.54 10.30 -4.15
CA GLY B 105 -20.32 9.53 -3.92
C GLY B 105 -19.13 10.37 -3.50
N LYS B 106 -19.42 11.48 -2.83
CA LYS B 106 -18.42 12.43 -2.39
C LYS B 106 -18.40 12.48 -0.87
N GLY B 107 -17.19 12.51 -0.31
CA GLY B 107 -16.97 12.58 1.12
C GLY B 107 -15.91 13.62 1.45
N THR B 108 -15.46 13.62 2.70
CA THR B 108 -14.40 14.52 3.14
C THR B 108 -13.33 13.74 3.86
N VAL B 109 -12.13 14.31 3.89
CA VAL B 109 -11.05 13.73 4.67
C VAL B 109 -11.44 13.67 6.15
N SER B 110 -12.02 14.76 6.65
CA SER B 110 -12.42 14.81 8.07
C SER B 110 -13.47 13.73 8.41
N GLY B 111 -14.45 13.54 7.53
CA GLY B 111 -15.45 12.48 7.68
C GLY B 111 -14.86 11.07 7.76
N THR B 112 -13.87 10.82 6.92
CA THR B 112 -13.16 9.55 6.88
C THR B 112 -12.35 9.37 8.16
N LEU B 113 -11.71 10.43 8.66
CA LEU B 113 -10.96 10.37 9.92
C LEU B 113 -11.85 9.96 11.06
N ILE B 114 -13.02 10.58 11.12
CA ILE B 114 -13.97 10.28 12.19
C ILE B 114 -14.52 8.86 12.10
N GLY B 115 -14.71 8.37 10.87
CA GLY B 115 -15.19 7.02 10.65
C GLY B 115 -14.15 6.03 11.13
N LEU B 116 -12.89 6.28 10.77
CA LEU B 116 -11.78 5.45 11.18
C LEU B 116 -11.66 5.49 12.71
N GLU B 117 -11.86 6.65 13.29
CA GLU B 117 -11.81 6.77 14.75
C GLU B 117 -12.96 5.95 15.36
N PHE B 118 -14.12 5.99 14.71
CA PHE B 118 -15.28 5.20 15.13
C PHE B 118 -14.99 3.69 15.14
N ILE B 119 -14.27 3.22 14.14
CA ILE B 119 -13.93 1.82 14.08
C ILE B 119 -13.05 1.47 15.26
N ARG B 120 -12.00 2.26 15.51
CA ARG B 120 -11.15 2.02 16.68
C ARG B 120 -11.93 2.00 18.02
N LYS B 121 -12.78 3.00 18.26
CA LYS B 121 -13.55 3.08 19.53
C LYS B 121 -14.48 1.85 19.68
N SER B 122 -15.08 1.41 18.57
CA SER B 122 -15.91 0.20 18.58
C SER B 122 -15.15 -1.00 19.07
N GLN B 123 -13.94 -1.14 18.55
CA GLN B 123 -13.05 -2.22 18.88
C GLN B 123 -12.62 -2.18 20.34
N LEU B 124 -12.38 -0.99 20.88
CA LEU B 124 -11.98 -0.87 22.28
C LEU B 124 -13.11 -1.25 23.21
N VAL B 125 -14.32 -0.84 22.82
CA VAL B 125 -15.55 -1.08 23.57
C VAL B 125 -16.01 -2.53 23.54
N GLN B 126 -16.08 -3.08 22.32
CA GLN B 126 -16.57 -4.44 22.06
C GLN B 126 -15.57 -5.19 21.19
N PRO B 127 -14.48 -5.72 21.77
CA PRO B 127 -13.48 -6.42 20.95
C PRO B 127 -13.97 -7.68 20.26
N VAL B 128 -13.55 -7.84 19.01
CA VAL B 128 -13.87 -9.03 18.24
C VAL B 128 -12.55 -9.66 17.75
N GLY B 129 -12.55 -10.28 16.57
CA GLY B 129 -11.35 -10.91 16.03
C GLY B 129 -10.60 -10.00 15.06
N PRO B 130 -9.87 -10.61 14.10
CA PRO B 130 -9.15 -9.86 13.06
C PRO B 130 -10.15 -8.90 12.42
N LEU B 131 -9.69 -7.71 12.06
CA LEU B 131 -10.54 -6.71 11.45
C LEU B 131 -9.99 -6.30 10.09
N VAL B 132 -10.86 -6.26 9.09
CA VAL B 132 -10.46 -5.79 7.77
C VAL B 132 -11.28 -4.56 7.46
N VAL B 133 -10.59 -3.45 7.18
CA VAL B 133 -11.29 -2.23 6.85
C VAL B 133 -11.13 -1.96 5.35
N LEU B 134 -12.24 -1.88 4.62
CA LEU B 134 -12.17 -1.59 3.19
C LEU B 134 -12.45 -0.11 2.99
N LEU B 135 -11.54 0.55 2.28
CA LEU B 135 -11.64 1.98 2.01
C LEU B 135 -11.69 2.19 0.49
N PRO B 136 -12.90 2.13 -0.07
CA PRO B 136 -13.09 2.19 -1.52
C PRO B 136 -13.23 3.62 -2.00
N LEU B 137 -12.27 4.44 -1.62
CA LEU B 137 -12.31 5.87 -1.88
C LEU B 137 -10.91 6.47 -2.01
N ALA B 138 -10.84 7.69 -2.50
CA ALA B 138 -9.57 8.36 -2.69
C ALA B 138 -9.76 9.87 -2.81
N GLY B 139 -8.76 10.59 -2.31
CA GLY B 139 -8.65 12.02 -2.49
C GLY B 139 -7.16 12.22 -2.79
N GLY B 140 -6.72 13.47 -2.82
CA GLY B 140 -5.32 13.78 -2.98
C GLY B 140 -4.50 13.37 -1.77
N TYR B 141 -3.17 13.35 -1.94
CA TYR B 141 -2.31 13.02 -0.83
C TYR B 141 -2.67 13.81 0.42
N SER B 142 -2.85 13.10 1.52
CA SER B 142 -3.22 13.73 2.79
C SER B 142 -2.33 13.23 3.95
N ARG B 143 -1.63 14.16 4.58
CA ARG B 143 -0.77 13.78 5.69
C ARG B 143 -1.55 13.18 6.85
N VAL B 144 -2.65 13.84 7.19
CA VAL B 144 -3.47 13.38 8.31
C VAL B 144 -4.20 12.04 8.05
N LEU B 145 -4.77 11.86 6.86
CA LEU B 145 -5.40 10.57 6.58
C LEU B 145 -4.44 9.42 6.56
N ASN B 146 -3.26 9.65 5.99
CA ASN B 146 -2.19 8.65 5.94
C ASN B 146 -1.71 8.34 7.36
N ALA B 147 -1.56 9.36 8.18
CA ALA B 147 -1.16 9.16 9.56
C ALA B 147 -2.18 8.34 10.37
N ALA B 148 -3.46 8.63 10.16
CA ALA B 148 -4.54 7.89 10.83
C ALA B 148 -4.61 6.43 10.45
N CYS B 149 -4.43 6.15 9.16
CA CYS B 149 -4.41 4.78 8.66
C CYS B 149 -3.26 4.00 9.28
N GLN B 150 -2.08 4.61 9.31
CA GLN B 150 -0.89 4.01 9.90
C GLN B 150 -1.11 3.66 11.38
N ARG B 151 -1.68 4.60 12.12
CA ARG B 151 -1.99 4.36 13.52
C ARG B 151 -3.03 3.25 13.66
N LEU B 152 -4.06 3.24 12.80
CA LEU B 152 -5.06 2.17 12.85
C LEU B 152 -4.41 0.82 12.52
N ALA B 153 -3.46 0.78 11.55
CA ALA B 153 -2.77 -0.47 11.19
C ALA B 153 -1.83 -0.95 12.31
N ARG B 154 -1.11 -0.02 12.91
CA ARG B 154 -0.24 -0.37 14.02
C ARG B 154 -1.03 -0.88 15.23
N ALA B 155 -2.30 -0.48 15.34
CA ALA B 155 -3.17 -0.97 16.41
C ALA B 155 -3.63 -2.41 16.15
N GLY B 156 -3.34 -2.91 14.95
CA GLY B 156 -3.62 -4.28 14.59
C GLY B 156 -4.73 -4.46 13.58
N VAL B 157 -5.09 -3.40 12.86
CA VAL B 157 -6.20 -3.49 11.93
C VAL B 157 -5.68 -3.54 10.48
N VAL B 158 -6.31 -4.39 9.68
CA VAL B 158 -5.96 -4.48 8.26
C VAL B 158 -6.76 -3.53 7.37
N LEU B 159 -6.07 -2.65 6.66
CA LEU B 159 -6.74 -1.70 5.78
C LEU B 159 -6.48 -2.04 4.32
N VAL B 160 -7.55 -2.11 3.54
CA VAL B 160 -7.43 -2.36 2.10
C VAL B 160 -8.01 -1.17 1.38
N THR B 161 -7.22 -0.58 0.49
CA THR B 161 -7.69 0.59 -0.24
C THR B 161 -7.62 0.53 -1.76
N ALA B 162 -8.42 1.38 -2.39
CA ALA B 162 -8.41 1.52 -3.82
C ALA B 162 -7.20 2.33 -4.26
N ALA B 163 -6.50 1.87 -5.30
CA ALA B 163 -5.38 2.63 -5.86
C ALA B 163 -5.80 4.00 -6.44
N GLY B 164 -7.04 4.13 -6.93
CA GLY B 164 -7.49 5.34 -7.58
C GLY B 164 -7.75 5.18 -9.07
N ASN B 165 -8.62 6.01 -9.62
CA ASN B 165 -9.06 5.80 -10.99
C ASN B 165 -8.59 6.78 -12.06
N PHE B 166 -7.55 7.52 -11.74
CA PHE B 166 -7.09 8.60 -12.60
C PHE B 166 -5.90 8.29 -13.47
N ARG B 167 -5.60 7.02 -13.70
CA ARG B 167 -4.46 6.63 -14.51
C ARG B 167 -3.19 7.43 -14.17
N ASP B 168 -2.88 7.43 -12.89
CA ASP B 168 -1.87 8.26 -12.31
C ASP B 168 -1.07 7.48 -11.26
N ASP B 169 -0.04 8.11 -10.71
CA ASP B 169 0.79 7.51 -9.68
C ASP B 169 -0.04 7.49 -8.39
N ALA B 170 -0.32 6.28 -7.88
CA ALA B 170 -1.05 6.12 -6.62
C ALA B 170 -0.45 6.84 -5.42
N CYS B 171 0.86 7.08 -5.43
CA CYS B 171 1.52 7.81 -4.35
C CYS B 171 1.02 9.23 -4.16
N LEU B 172 0.30 9.76 -5.16
CA LEU B 172 -0.20 11.11 -5.07
C LEU B 172 -1.60 11.16 -4.45
N TYR B 173 -2.14 10.01 -4.05
CA TYR B 173 -3.52 9.95 -3.54
C TYR B 173 -3.53 9.34 -2.16
N SER B 174 -4.59 9.59 -1.41
CA SER B 174 -4.76 9.02 -0.08
C SER B 174 -6.16 8.48 0.04
N PRO B 175 -6.32 7.39 0.79
CA PRO B 175 -5.30 6.65 1.55
C PRO B 175 -4.40 5.71 0.74
N ALA B 176 -4.51 5.72 -0.59
CA ALA B 176 -3.71 4.82 -1.43
C ALA B 176 -2.19 4.88 -1.12
N SER B 177 -1.64 6.07 -0.85
CA SER B 177 -0.20 6.27 -0.59
C SER B 177 0.18 5.93 0.84
N ALA B 178 -0.81 5.77 1.68
CA ALA B 178 -0.61 5.46 3.12
C ALA B 178 0.15 4.21 3.51
N PRO B 179 1.30 4.42 4.16
CA PRO B 179 2.17 3.32 4.56
C PRO B 179 1.33 2.31 5.38
N GLU B 180 1.60 1.02 5.24
CA GLU B 180 0.89 -0.05 5.95
C GLU B 180 -0.49 -0.42 5.38
N VAL B 181 -1.12 0.39 4.56
CA VAL B 181 -2.41 -0.04 4.01
C VAL B 181 -2.14 -0.95 2.76
N ILE B 182 -3.03 -1.88 2.44
CA ILE B 182 -2.87 -2.68 1.23
C ILE B 182 -3.55 -1.91 0.09
N THR B 183 -2.78 -1.42 -0.87
CA THR B 183 -3.32 -0.63 -1.99
C THR B 183 -3.52 -1.46 -3.26
N VAL B 184 -4.75 -1.45 -3.79
CA VAL B 184 -5.14 -2.30 -4.92
C VAL B 184 -5.57 -1.61 -6.27
N GLY B 185 -4.89 -1.99 -7.35
CA GLY B 185 -5.21 -1.51 -8.69
C GLY B 185 -6.10 -2.48 -9.45
N ALA B 186 -6.67 -2.03 -10.57
CA ALA B 186 -7.63 -2.86 -11.26
C ALA B 186 -7.20 -3.32 -12.62
N THR B 187 -7.43 -4.61 -12.87
CA THR B 187 -7.22 -5.22 -14.17
C THR B 187 -8.54 -5.75 -14.70
N ASN B 188 -8.59 -6.00 -16.00
CA ASN B 188 -9.79 -6.49 -16.68
C ASN B 188 -9.69 -7.98 -17.05
N ALA B 189 -10.65 -8.49 -17.82
CA ALA B 189 -10.68 -9.91 -18.17
C ALA B 189 -9.47 -10.35 -18.98
N GLN B 190 -8.80 -9.42 -19.66
CA GLN B 190 -7.58 -9.74 -20.40
C GLN B 190 -6.32 -9.52 -19.53
N ASP B 191 -6.53 -9.39 -18.22
CA ASP B 191 -5.44 -9.16 -17.27
C ASP B 191 -4.64 -7.88 -17.64
N GLN B 192 -5.29 -6.95 -18.33
CA GLN B 192 -4.62 -5.72 -18.69
C GLN B 192 -5.21 -4.64 -17.77
N PRO B 193 -4.41 -3.61 -17.42
CA PRO B 193 -4.87 -2.53 -16.55
C PRO B 193 -6.09 -1.82 -17.11
N VAL B 194 -7.09 -1.58 -16.26
CA VAL B 194 -8.30 -0.90 -16.69
C VAL B 194 -7.99 0.52 -17.15
N THR B 195 -8.46 0.85 -18.37
CA THR B 195 -8.29 2.18 -18.95
C THR B 195 -9.60 2.59 -19.62
N LEU B 196 -9.91 3.87 -19.54
CA LEU B 196 -11.10 4.45 -20.16
C LEU B 196 -10.71 5.89 -20.47
N GLY B 197 -10.13 6.05 -21.64
CA GLY B 197 -9.58 7.31 -22.12
C GLY B 197 -8.47 7.77 -21.20
N THR B 198 -8.65 8.92 -20.59
CA THR B 198 -7.67 9.50 -19.66
C THR B 198 -7.84 8.94 -18.26
N LEU B 199 -8.85 8.12 -18.07
CA LEU B 199 -9.12 7.55 -16.77
C LEU B 199 -8.68 6.09 -16.81
N GLY B 200 -8.57 5.48 -15.64
CA GLY B 200 -8.13 4.10 -15.54
C GLY B 200 -7.38 3.85 -14.23
N THR B 201 -6.91 2.62 -14.04
CA THR B 201 -6.25 2.30 -12.80
C THR B 201 -4.96 3.10 -12.55
N ASN B 202 -4.84 3.59 -11.32
CA ASN B 202 -3.60 4.15 -10.84
C ASN B 202 -2.56 3.04 -10.76
N PHE B 203 -1.29 3.45 -10.71
CA PHE B 203 -0.21 2.48 -10.74
C PHE B 203 0.96 2.97 -9.87
N GLY B 204 2.13 2.36 -10.06
CA GLY B 204 3.32 2.78 -9.32
C GLY B 204 3.71 2.00 -8.08
N ARG B 205 4.74 2.48 -7.40
CA ARG B 205 5.28 1.77 -6.25
C ARG B 205 4.38 1.71 -5.00
N CYS B 206 3.38 2.59 -4.91
CA CYS B 206 2.46 2.56 -3.77
C CYS B 206 1.35 1.53 -3.96
N VAL B 207 1.25 0.93 -5.16
CA VAL B 207 0.26 -0.11 -5.41
C VAL B 207 0.85 -1.47 -5.01
N ASP B 208 0.16 -2.26 -4.20
CA ASP B 208 0.71 -3.57 -3.77
C ASP B 208 0.40 -4.65 -4.80
N LEU B 209 -0.78 -4.56 -5.39
CA LEU B 209 -1.18 -5.56 -6.38
C LEU B 209 -2.43 -5.14 -7.13
N PHE B 210 -2.79 -5.94 -8.12
CA PHE B 210 -4.01 -5.72 -8.89
C PHE B 210 -5.02 -6.82 -8.63
N ALA B 211 -6.27 -6.55 -8.95
CA ALA B 211 -7.33 -7.53 -8.82
C ALA B 211 -8.41 -7.19 -9.86
N PRO B 212 -9.28 -8.15 -10.20
CA PRO B 212 -10.35 -7.86 -11.17
C PRO B 212 -11.14 -6.62 -10.81
N GLY B 213 -11.20 -5.66 -11.75
CA GLY B 213 -11.87 -4.39 -11.48
C GLY B 213 -12.69 -3.77 -12.60
N GLU B 214 -12.93 -4.58 -13.62
CA GLU B 214 -13.74 -4.18 -14.74
C GLU B 214 -14.79 -5.21 -14.99
N ASP B 215 -16.01 -4.73 -15.15
CA ASP B 215 -17.13 -5.60 -15.45
C ASP B 215 -17.28 -6.64 -14.35
N ILE B 216 -17.45 -6.12 -13.13
CA ILE B 216 -17.59 -6.95 -11.95
C ILE B 216 -19.08 -7.06 -11.59
N ILE B 217 -19.66 -8.23 -11.79
CA ILE B 217 -21.07 -8.41 -11.43
C ILE B 217 -21.30 -8.41 -9.88
N GLY B 218 -22.29 -7.65 -9.42
CA GLY B 218 -22.65 -7.59 -8.01
C GLY B 218 -24.03 -7.00 -7.76
N ALA B 219 -24.47 -7.09 -6.50
CA ALA B 219 -25.77 -6.55 -6.06
C ALA B 219 -26.09 -5.16 -6.57
N SER B 220 -27.27 -5.00 -7.13
CA SER B 220 -27.70 -3.68 -7.59
C SER B 220 -28.74 -3.21 -6.59
N SER B 221 -28.59 -1.98 -6.10
CA SER B 221 -29.53 -1.42 -5.13
C SER B 221 -30.80 -0.93 -5.81
N ASP B 222 -30.91 -1.23 -7.09
CA ASP B 222 -32.06 -0.88 -7.91
C ASP B 222 -33.30 -1.69 -7.42
N CYS B 223 -33.12 -3.00 -7.17
CA CYS B 223 -34.16 -3.87 -6.60
C CYS B 223 -33.50 -4.94 -5.72
N SER B 224 -34.20 -5.43 -4.69
CA SER B 224 -33.61 -6.39 -3.75
C SER B 224 -33.01 -7.68 -4.32
N THR B 225 -33.29 -8.00 -5.58
CA THR B 225 -32.71 -9.22 -6.17
C THR B 225 -31.93 -8.92 -7.46
N CYS B 226 -31.85 -7.63 -7.82
CA CYS B 226 -31.20 -7.16 -9.04
C CYS B 226 -29.65 -7.18 -9.03
N PHE B 227 -29.06 -7.39 -10.20
CA PHE B 227 -27.61 -7.38 -10.37
C PHE B 227 -27.13 -6.42 -11.44
N VAL B 228 -25.97 -5.82 -11.18
CA VAL B 228 -25.38 -4.88 -12.11
C VAL B 228 -23.90 -5.09 -12.19
N SER B 229 -23.33 -4.77 -13.34
CA SER B 229 -21.89 -4.87 -13.51
C SER B 229 -21.24 -3.47 -13.31
N GLN B 230 -20.26 -3.37 -12.42
CA GLN B 230 -19.54 -2.12 -12.17
C GLN B 230 -18.02 -2.28 -12.30
N SER B 231 -17.34 -1.16 -12.51
CA SER B 231 -15.88 -1.12 -12.66
C SER B 231 -15.21 -0.08 -11.74
N GLY B 232 -14.00 -0.40 -11.25
CA GLY B 232 -13.31 0.51 -10.36
C GLY B 232 -12.16 -0.11 -9.59
N THR B 233 -11.27 0.73 -9.07
CA THR B 233 -10.23 0.21 -8.18
C THR B 233 -10.87 -0.20 -6.87
N SER B 234 -12.07 0.30 -6.56
CA SER B 234 -12.79 -0.16 -5.36
C SER B 234 -13.27 -1.61 -5.51
N GLN B 235 -13.78 -1.96 -6.71
CA GLN B 235 -14.20 -3.35 -6.98
C GLN B 235 -13.00 -4.26 -6.83
N ALA B 236 -11.86 -3.79 -7.28
CA ALA B 236 -10.60 -4.51 -7.21
C ALA B 236 -10.19 -4.66 -5.74
N ALA B 237 -10.28 -3.59 -4.97
CA ALA B 237 -9.94 -3.60 -3.56
C ALA B 237 -10.87 -4.56 -2.79
N ALA B 238 -12.14 -4.62 -3.20
CA ALA B 238 -13.15 -5.49 -2.58
C ALA B 238 -12.74 -6.95 -2.75
N HIS B 239 -12.16 -7.31 -3.89
CA HIS B 239 -11.69 -8.70 -4.05
C HIS B 239 -10.59 -9.02 -3.05
N VAL B 240 -9.68 -8.07 -2.82
CA VAL B 240 -8.56 -8.26 -1.88
C VAL B 240 -9.06 -8.32 -0.44
N ALA B 241 -10.03 -7.48 -0.11
CA ALA B 241 -10.60 -7.52 1.23
C ALA B 241 -11.26 -8.89 1.51
N GLY B 242 -11.93 -9.48 0.52
CA GLY B 242 -12.50 -10.82 0.65
C GLY B 242 -11.44 -11.90 0.74
N ILE B 243 -10.39 -11.81 -0.07
CA ILE B 243 -9.29 -12.74 0.03
C ILE B 243 -8.68 -12.58 1.43
N ALA B 244 -8.38 -11.31 1.81
CA ALA B 244 -7.81 -11.04 3.14
C ALA B 244 -8.71 -11.60 4.26
N ALA B 245 -10.02 -11.41 4.17
CA ALA B 245 -10.90 -11.93 5.21
C ALA B 245 -10.81 -13.43 5.34
N MET B 246 -10.72 -14.08 4.20
CA MET B 246 -10.59 -15.53 4.20
C MET B 246 -9.26 -16.01 4.75
N MET B 247 -8.18 -15.32 4.39
CA MET B 247 -6.85 -15.67 4.88
C MET B 247 -6.73 -15.49 6.39
N LEU B 248 -7.35 -14.45 6.94
CA LEU B 248 -7.34 -14.22 8.37
C LEU B 248 -8.21 -15.21 9.10
N SER B 249 -9.21 -15.79 8.42
CA SER B 249 -10.03 -16.82 9.04
C SER B 249 -9.19 -18.07 9.20
N ALA B 250 -8.32 -18.35 8.24
CA ALA B 250 -7.48 -19.54 8.35
C ALA B 250 -6.32 -19.30 9.31
N GLU B 251 -5.77 -18.11 9.30
CA GLU B 251 -4.64 -17.74 10.14
C GLU B 251 -4.90 -16.44 10.89
N PRO B 252 -5.73 -16.47 11.92
CA PRO B 252 -6.14 -15.26 12.64
C PRO B 252 -4.99 -14.48 13.24
N GLU B 253 -3.85 -15.13 13.47
CA GLU B 253 -2.71 -14.50 14.12
C GLU B 253 -1.81 -13.70 13.18
N LEU B 254 -2.06 -13.75 11.87
CA LEU B 254 -1.26 -13.01 10.90
C LEU B 254 -1.03 -11.54 11.22
N THR B 255 0.20 -11.09 11.05
CA THR B 255 0.44 -9.66 11.12
C THR B 255 0.16 -9.11 9.72
N LEU B 256 0.01 -7.80 9.62
CA LEU B 256 -0.24 -7.15 8.35
C LEU B 256 0.87 -7.52 7.34
N ALA B 257 2.12 -7.53 7.78
CA ALA B 257 3.22 -7.91 6.91
C ALA B 257 3.09 -9.35 6.44
N GLU B 258 2.63 -10.22 7.33
CA GLU B 258 2.44 -11.62 6.96
C GLU B 258 1.28 -11.80 5.98
N LEU B 259 0.24 -10.99 6.11
CA LEU B 259 -0.90 -11.03 5.20
C LEU B 259 -0.46 -10.51 3.84
N ARG B 260 0.27 -9.38 3.82
CA ARG B 260 0.77 -8.85 2.56
C ARG B 260 1.67 -9.83 1.80
N GLN B 261 2.59 -10.49 2.50
CA GLN B 261 3.47 -11.46 1.84
C GLN B 261 2.70 -12.66 1.25
N ARG B 262 1.61 -13.04 1.88
CA ARG B 262 0.79 -14.11 1.33
C ARG B 262 0.02 -13.68 0.10
N LEU B 263 -0.59 -12.50 0.16
CA LEU B 263 -1.31 -11.93 -0.97
C LEU B 263 -0.44 -11.89 -2.23
N ILE B 264 0.79 -11.43 -2.04
CA ILE B 264 1.79 -11.35 -3.10
C ILE B 264 2.17 -12.77 -3.56
N HIS B 265 2.44 -13.64 -2.58
CA HIS B 265 2.91 -14.97 -2.89
C HIS B 265 1.84 -15.77 -3.66
N PHE B 266 0.58 -15.62 -3.28
CA PHE B 266 -0.51 -16.34 -3.98
C PHE B 266 -1.05 -15.71 -5.26
N SER B 267 -0.68 -14.47 -5.50
CA SER B 267 -1.04 -13.77 -6.72
C SER B 267 -0.54 -14.41 -8.01
N ALA B 268 -1.26 -14.14 -9.09
CA ALA B 268 -0.75 -14.56 -10.38
C ALA B 268 0.30 -13.51 -10.75
N LYS B 269 1.41 -13.97 -11.31
CA LYS B 269 2.57 -13.15 -11.61
C LYS B 269 2.82 -12.96 -13.10
N ASP B 270 3.31 -11.77 -13.45
CA ASP B 270 3.71 -11.43 -14.82
C ASP B 270 2.65 -11.66 -15.89
N VAL B 271 1.39 -11.41 -15.56
CA VAL B 271 0.29 -11.57 -16.52
C VAL B 271 -0.17 -10.24 -17.12
N ILE B 272 0.15 -9.15 -16.46
CA ILE B 272 -0.24 -7.83 -16.91
C ILE B 272 0.70 -7.35 -17.97
N ASN B 273 0.19 -6.77 -19.04
CA ASN B 273 1.12 -6.28 -20.03
C ASN B 273 1.50 -4.87 -19.63
N GLU B 274 2.73 -4.78 -19.13
CA GLU B 274 3.35 -3.55 -18.65
C GLU B 274 3.20 -2.29 -19.57
N ALA B 275 3.34 -2.49 -20.88
CA ALA B 275 3.26 -1.44 -21.89
C ALA B 275 2.19 -0.37 -21.62
N TRP B 276 1.11 -0.74 -20.94
CA TRP B 276 0.06 0.23 -20.63
C TRP B 276 0.49 1.31 -19.64
N PHE B 277 1.52 1.02 -18.86
CA PHE B 277 1.96 2.00 -17.88
C PHE B 277 3.01 2.88 -18.50
N PRO B 278 3.10 4.11 -18.00
CA PRO B 278 4.21 4.95 -18.43
C PRO B 278 5.54 4.25 -18.18
N GLU B 279 6.49 4.48 -19.09
CA GLU B 279 7.80 3.83 -19.03
C GLU B 279 8.52 3.78 -17.70
N ASP B 280 8.59 4.92 -17.03
CA ASP B 280 9.28 5.03 -15.74
C ASP B 280 8.58 4.29 -14.62
N GLN B 281 7.33 3.88 -14.84
CA GLN B 281 6.55 3.21 -13.80
C GLN B 281 6.48 1.69 -13.93
N ARG B 282 6.90 1.15 -15.05
CA ARG B 282 6.89 -0.28 -15.23
C ARG B 282 7.76 -1.08 -14.21
N VAL B 283 8.91 -0.54 -13.85
CA VAL B 283 9.75 -1.22 -12.86
C VAL B 283 9.04 -1.17 -11.51
N LEU B 284 8.59 0.03 -11.13
CA LEU B 284 7.93 0.28 -9.85
C LEU B 284 6.59 -0.41 -9.59
N THR B 285 5.82 -0.69 -10.65
CA THR B 285 4.49 -1.28 -10.54
C THR B 285 4.50 -2.79 -10.43
N PRO B 286 3.93 -3.32 -9.36
CA PRO B 286 3.95 -4.78 -9.22
C PRO B 286 3.08 -5.44 -10.26
N ASN B 287 3.63 -6.45 -10.93
CA ASN B 287 2.89 -7.17 -11.94
C ASN B 287 2.23 -8.37 -11.25
N LEU B 288 1.21 -8.09 -10.43
CA LEU B 288 0.50 -9.11 -9.65
C LEU B 288 -1.04 -9.01 -9.79
N VAL B 289 -1.68 -10.14 -10.02
CA VAL B 289 -3.12 -10.16 -10.02
C VAL B 289 -3.49 -11.12 -8.89
N ALA B 290 -4.25 -10.59 -7.92
CA ALA B 290 -4.65 -11.31 -6.72
C ALA B 290 -5.37 -12.64 -6.97
N ALA B 291 -5.20 -13.57 -6.04
CA ALA B 291 -5.84 -14.87 -6.11
C ALA B 291 -5.95 -15.49 -4.74
N LEU B 292 -6.93 -16.36 -4.55
CA LEU B 292 -7.07 -17.06 -3.28
C LEU B 292 -5.98 -18.09 -3.10
N PRO B 293 -5.68 -18.43 -1.85
CA PRO B 293 -4.69 -19.47 -1.59
C PRO B 293 -5.33 -20.82 -1.89
N PRO B 294 -4.53 -21.82 -2.27
CA PRO B 294 -5.10 -23.17 -2.45
C PRO B 294 -5.36 -23.86 -1.09
N SER B 295 -6.57 -23.72 -0.54
CA SER B 295 -6.94 -24.28 0.78
C SER B 295 -6.21 -23.59 1.94
N GLN B 302 7.33 -21.67 5.58
CA GLN B 302 7.87 -21.26 4.29
C GLN B 302 8.55 -19.90 4.27
N LEU B 303 9.46 -19.72 3.32
CA LEU B 303 10.16 -18.46 3.21
C LEU B 303 9.51 -17.49 2.20
N PHE B 304 8.89 -16.44 2.72
CA PHE B 304 8.26 -15.36 1.95
C PHE B 304 9.16 -14.16 1.80
N CYS B 305 9.31 -13.67 0.57
CA CYS B 305 10.11 -12.47 0.30
C CYS B 305 9.34 -11.52 -0.60
N ARG B 306 9.56 -10.24 -0.43
CA ARG B 306 8.97 -9.27 -1.34
C ARG B 306 9.98 -8.21 -1.73
N THR B 307 9.73 -7.55 -2.84
CA THR B 307 10.61 -6.50 -3.32
C THR B 307 10.02 -5.15 -3.01
N VAL B 308 10.81 -4.32 -2.33
CA VAL B 308 10.41 -2.96 -1.94
C VAL B 308 11.25 -1.88 -2.64
N TRP B 309 10.62 -1.10 -3.51
CA TRP B 309 11.30 0.04 -4.15
C TRP B 309 11.19 1.34 -3.38
N SER B 310 12.25 2.15 -3.42
CA SER B 310 12.23 3.44 -2.73
C SER B 310 11.73 4.51 -3.68
N ALA B 311 11.55 5.71 -3.13
CA ALA B 311 11.31 6.89 -3.93
C ALA B 311 12.67 7.19 -4.60
N HIS B 312 12.65 7.80 -5.78
CA HIS B 312 13.87 8.22 -6.48
C HIS B 312 14.72 9.19 -5.63
N SER B 313 16.03 8.97 -5.58
CA SER B 313 16.98 9.78 -4.79
C SER B 313 17.09 11.28 -5.18
N GLY B 314 16.92 11.58 -6.47
CA GLY B 314 17.16 12.93 -6.95
C GLY B 314 18.57 13.06 -7.54
N PRO B 315 18.88 14.19 -8.18
CA PRO B 315 20.14 14.44 -8.90
C PRO B 315 21.40 14.97 -8.18
N THR B 316 21.44 15.03 -6.86
CA THR B 316 22.69 15.39 -6.17
C THR B 316 23.83 14.42 -6.55
N ARG B 317 25.07 14.75 -6.22
CA ARG B 317 26.14 13.76 -6.32
C ARG B 317 26.17 13.00 -4.99
N MET B 318 25.56 13.59 -3.96
CA MET B 318 25.60 12.96 -2.66
C MET B 318 24.21 12.42 -2.32
N ALA B 319 23.33 12.33 -3.33
CA ALA B 319 21.95 11.84 -3.16
C ALA B 319 21.87 10.38 -2.76
N THR B 320 21.03 10.07 -1.77
CA THR B 320 20.81 8.67 -1.37
C THR B 320 19.32 8.27 -1.26
N ALA B 321 18.96 7.19 -1.95
CA ALA B 321 17.62 6.59 -1.88
C ALA B 321 17.52 5.50 -0.77
N ILE B 322 16.46 5.52 0.02
CA ILE B 322 16.33 4.52 1.08
C ILE B 322 15.06 3.62 1.02
N ALA B 323 15.28 2.31 0.93
CA ALA B 323 14.21 1.31 0.93
C ALA B 323 14.14 0.52 2.26
N ARG B 324 12.99 0.55 2.93
CA ARG B 324 12.80 -0.11 4.24
C ARG B 324 11.80 -1.28 4.22
N CYS B 325 11.99 -2.20 5.18
CA CYS B 325 11.13 -3.34 5.41
C CYS B 325 10.18 -3.04 6.57
N ALA B 326 9.20 -3.92 6.75
CA ALA B 326 8.25 -3.85 7.86
C ALA B 326 8.99 -4.28 9.12
N PRO B 327 8.52 -3.86 10.31
CA PRO B 327 9.22 -4.24 11.55
C PRO B 327 9.41 -5.74 11.77
N ASP B 328 8.48 -6.58 11.35
CA ASP B 328 8.63 -8.04 11.52
C ASP B 328 9.26 -8.72 10.30
N GLU B 329 9.87 -7.92 9.41
CA GLU B 329 10.49 -8.45 8.20
C GLU B 329 11.99 -8.31 8.31
N GLU B 330 12.70 -9.18 7.62
CA GLU B 330 14.15 -9.10 7.59
C GLU B 330 14.59 -8.57 6.24
N LEU B 331 15.58 -7.70 6.25
CA LEU B 331 16.17 -7.21 5.01
C LEU B 331 17.24 -8.21 4.60
N LEU B 332 16.98 -9.03 3.58
CA LEU B 332 17.95 -10.06 3.16
C LEU B 332 18.89 -9.64 2.04
N SER B 333 18.53 -8.61 1.30
CA SER B 333 19.36 -8.11 0.23
C SER B 333 18.97 -6.70 -0.18
N CYS B 334 19.83 -6.10 -0.97
CA CYS B 334 19.69 -4.71 -1.29
C CYS B 334 20.43 -4.44 -2.60
N SER B 335 19.72 -3.96 -3.61
CA SER B 335 20.33 -3.65 -4.90
C SER B 335 19.90 -2.21 -5.25
N SER B 336 20.34 -1.74 -6.40
CA SER B 336 20.06 -0.36 -6.81
C SER B 336 19.90 -0.30 -8.32
N PHE B 337 19.24 0.78 -8.76
CA PHE B 337 19.00 1.00 -10.18
C PHE B 337 18.94 2.45 -10.62
N SER B 338 19.67 2.72 -11.70
CA SER B 338 19.65 4.01 -12.35
C SER B 338 19.46 3.81 -13.84
N ARG B 339 18.52 4.55 -14.43
CA ARG B 339 18.27 4.46 -15.88
C ARG B 339 19.48 4.92 -16.67
N SER B 340 20.19 5.94 -16.22
CA SER B 340 21.35 6.37 -17.00
C SER B 340 22.51 5.42 -16.75
N GLY B 341 22.62 4.88 -15.54
CA GLY B 341 23.73 4.00 -15.21
C GLY B 341 24.74 4.67 -14.31
N LYS B 342 24.61 5.98 -14.19
CA LYS B 342 25.48 6.79 -13.35
C LYS B 342 25.15 6.60 -11.86
N ARG B 343 25.74 5.57 -11.25
CA ARG B 343 25.47 5.25 -9.85
C ARG B 343 26.70 4.65 -9.15
N ARG B 344 26.76 4.80 -7.83
CA ARG B 344 27.87 4.26 -7.04
C ARG B 344 27.46 3.14 -6.08
N GLY B 345 26.57 2.27 -6.56
CA GLY B 345 26.06 1.14 -5.82
C GLY B 345 25.19 1.39 -4.58
N GLU B 346 25.20 0.44 -3.66
CA GLU B 346 24.34 0.51 -2.47
C GLU B 346 24.94 -0.21 -1.30
N ARG B 347 24.38 0.08 -0.13
CA ARG B 347 24.81 -0.56 1.11
C ARG B 347 23.63 -0.85 2.03
N MET B 348 23.82 -1.83 2.90
CA MET B 348 22.87 -2.22 3.92
C MET B 348 23.43 -1.66 5.19
N GLU B 349 22.66 -0.82 5.83
CA GLU B 349 23.11 -0.22 7.07
C GLU B 349 21.99 -0.10 8.08
N ALA B 350 22.37 -0.21 9.34
CA ALA B 350 21.41 -0.19 10.45
C ALA B 350 20.97 1.22 10.81
N GLN B 351 19.65 1.38 10.84
CA GLN B 351 19.03 2.64 11.15
C GLN B 351 17.98 2.34 12.20
N GLY B 352 18.06 3.02 13.34
CA GLY B 352 17.15 2.79 14.46
C GLY B 352 17.00 1.34 14.88
N GLY B 353 18.12 0.62 14.89
CA GLY B 353 18.13 -0.80 15.24
C GLY B 353 17.44 -1.71 14.23
N LYS B 354 17.44 -1.28 12.96
CA LYS B 354 16.77 -2.04 11.89
C LYS B 354 17.60 -1.88 10.62
N LEU B 355 17.95 -2.99 10.00
CA LEU B 355 18.72 -2.96 8.76
C LEU B 355 17.92 -2.29 7.63
N VAL B 356 18.53 -1.32 6.98
CA VAL B 356 17.88 -0.54 5.94
C VAL B 356 18.71 -0.62 4.63
N CYS B 357 18.08 -0.41 3.46
CA CYS B 357 18.79 -0.44 2.17
C CYS B 357 19.06 0.96 1.63
N ARG B 358 20.33 1.33 1.47
CA ARG B 358 20.71 2.68 1.03
C ARG B 358 21.47 2.68 -0.28
N ALA B 359 20.96 3.44 -1.25
CA ALA B 359 21.60 3.52 -2.56
C ALA B 359 22.23 4.87 -2.82
N HIS B 360 23.36 4.87 -3.52
CA HIS B 360 24.13 6.08 -3.79
C HIS B 360 24.12 6.53 -5.24
N ASN B 361 23.84 7.80 -5.43
CA ASN B 361 23.88 8.39 -6.75
C ASN B 361 25.31 8.82 -7.09
N ALA B 362 25.64 8.69 -8.37
CA ALA B 362 26.92 9.09 -8.95
C ALA B 362 26.63 10.46 -9.54
N PHE B 363 27.67 11.17 -9.96
CA PHE B 363 27.49 12.47 -10.57
C PHE B 363 26.71 12.17 -11.89
N GLY B 365 24.43 11.44 -13.50
CA GLY B 365 24.08 11.25 -12.08
C GLY B 365 22.74 11.87 -11.76
N GLU B 366 21.79 11.64 -12.64
CA GLU B 366 20.40 12.13 -12.35
C GLU B 366 19.68 11.53 -11.13
N GLY B 367 20.20 10.43 -10.62
CA GLY B 367 19.61 9.71 -9.49
C GLY B 367 19.42 8.21 -9.56
N VAL B 368 19.01 7.65 -8.42
CA VAL B 368 18.84 6.21 -8.25
C VAL B 368 17.65 5.77 -7.40
N TYR B 369 17.32 4.49 -7.55
CA TYR B 369 16.34 3.84 -6.69
C TYR B 369 17.07 2.84 -5.81
N ALA B 370 16.67 2.75 -4.54
CA ALA B 370 17.09 1.67 -3.64
C ALA B 370 16.03 0.57 -3.71
N ILE B 371 16.47 -0.68 -3.86
CA ILE B 371 15.57 -1.83 -3.98
C ILE B 371 15.79 -2.92 -2.93
N ALA B 372 14.99 -2.92 -1.89
CA ALA B 372 15.09 -3.92 -0.82
C ALA B 372 14.39 -5.26 -1.10
N ARG B 373 14.90 -6.31 -0.50
CA ARG B 373 14.24 -7.60 -0.50
C ARG B 373 13.90 -7.92 0.96
N CYS B 374 12.62 -7.83 1.28
CA CYS B 374 12.13 -7.98 2.65
C CYS B 374 11.46 -9.33 2.86
N CYS B 375 11.93 -10.10 3.84
CA CYS B 375 11.44 -11.45 4.03
C CYS B 375 10.96 -11.76 5.45
N LEU B 376 10.10 -12.75 5.57
CA LEU B 376 9.56 -13.23 6.84
C LEU B 376 10.38 -14.45 7.22
N LEU B 377 11.33 -14.25 8.12
CA LEU B 377 12.23 -15.32 8.52
C LEU B 377 12.27 -15.42 10.06
N PRO B 378 11.40 -16.24 10.65
CA PRO B 378 11.52 -16.40 12.10
C PRO B 378 12.63 -17.44 12.34
N GLN B 379 13.09 -17.63 13.59
CA GLN B 379 14.20 -18.57 13.84
C GLN B 379 15.35 -18.09 12.93
N ALA B 380 15.49 -16.77 12.91
CA ALA B 380 16.45 -15.99 12.11
C ALA B 380 16.88 -14.71 12.82
N ASN B 381 18.16 -14.35 12.73
CA ASN B 381 18.61 -13.11 13.36
C ASN B 381 19.14 -12.07 12.35
N CYS B 382 20.05 -12.50 11.46
CA CYS B 382 20.75 -11.69 10.43
C CYS B 382 21.58 -10.47 10.82
N SER B 383 22.78 -10.45 10.23
CA SER B 383 23.81 -9.43 10.39
C SER B 383 24.46 -9.00 9.06
N VAL B 384 25.01 -7.79 9.01
CA VAL B 384 25.73 -7.30 7.84
C VAL B 384 27.27 -7.36 8.04
N HIS B 385 27.99 -7.91 7.06
CA HIS B 385 29.45 -8.00 7.03
C HIS B 385 29.99 -7.10 5.95
N THR B 386 30.61 -6.00 6.34
CA THR B 386 31.18 -5.09 5.36
C THR B 386 32.67 -5.36 5.19
N ALA B 387 33.07 -5.71 3.98
CA ALA B 387 34.46 -6.07 3.75
C ALA B 387 34.79 -5.94 2.28
N PRO B 388 36.07 -5.94 1.93
CA PRO B 388 36.29 -5.91 0.47
C PRO B 388 35.88 -7.22 -0.27
N PRO B 389 35.72 -7.14 -1.60
CA PRO B 389 35.42 -8.35 -2.38
C PRO B 389 36.54 -9.40 -2.29
N THR B 396 39.04 -9.88 2.08
CA THR B 396 38.13 -10.88 2.68
C THR B 396 37.56 -11.92 1.68
N ARG B 397 37.73 -13.24 1.95
CA ARG B 397 37.41 -14.32 0.98
C ARG B 397 36.05 -15.04 1.17
N VAL B 398 35.69 -15.33 2.41
CA VAL B 398 34.32 -15.74 2.75
C VAL B 398 33.70 -14.60 3.56
N HIS B 399 32.40 -14.39 3.39
CA HIS B 399 31.85 -13.13 3.86
C HIS B 399 30.85 -13.40 4.95
N CYS B 400 30.57 -14.69 5.16
CA CYS B 400 29.80 -15.15 6.31
C CYS B 400 30.64 -16.24 6.91
N HIS B 401 31.66 -15.80 7.65
CA HIS B 401 32.67 -16.67 8.24
C HIS B 401 32.15 -17.60 9.33
N GLN B 402 30.96 -17.30 9.83
CA GLN B 402 30.37 -18.09 10.92
C GLN B 402 29.85 -19.46 10.52
N GLN B 403 29.45 -20.25 11.53
CA GLN B 403 28.92 -21.61 11.37
C GLN B 403 27.40 -21.69 11.22
N GLY B 404 26.94 -22.47 10.25
CA GLY B 404 25.52 -22.62 10.03
C GLY B 404 24.88 -21.33 9.52
N HIS B 405 25.75 -20.36 9.19
CA HIS B 405 25.33 -19.07 8.67
C HIS B 405 25.20 -19.09 7.17
N VAL B 406 24.08 -18.58 6.67
CA VAL B 406 23.89 -18.49 5.23
C VAL B 406 24.02 -17.04 4.72
N LEU B 407 24.61 -16.90 3.55
CA LEU B 407 24.70 -15.64 2.83
C LEU B 407 23.40 -15.45 2.03
N THR B 408 22.62 -14.42 2.37
CA THR B 408 21.35 -14.19 1.70
C THR B 408 21.42 -13.07 0.64
N GLY B 409 22.43 -12.21 0.72
CA GLY B 409 22.52 -11.14 -0.25
C GLY B 409 23.87 -10.43 -0.27
N CYS B 410 24.26 -9.96 -1.45
CA CYS B 410 25.52 -9.22 -1.64
C CYS B 410 25.21 -7.85 -2.20
N SER B 411 25.62 -6.83 -1.47
CA SER B 411 25.47 -5.46 -1.90
C SER B 411 26.86 -4.93 -2.15
N SER B 412 26.96 -3.85 -2.91
CA SER B 412 28.27 -3.31 -3.19
C SER B 412 28.24 -1.83 -3.53
N HIS B 413 29.17 -1.08 -2.96
CA HIS B 413 29.28 0.34 -3.27
C HIS B 413 30.75 0.74 -3.43
N TRP B 414 30.98 1.84 -4.13
CA TRP B 414 32.32 2.32 -4.39
C TRP B 414 32.27 3.84 -4.33
N GLU B 415 33.40 4.54 -4.14
CA GLU B 415 33.27 5.99 -4.11
C GLU B 415 33.79 6.62 -5.40
N VAL B 416 34.69 5.92 -6.09
CA VAL B 416 35.19 6.45 -7.34
C VAL B 416 34.04 6.26 -8.31
N GLU B 417 34.08 6.83 -9.50
CA GLU B 417 33.00 6.56 -10.44
C GLU B 417 33.56 5.78 -11.65
N ASP B 418 34.85 5.46 -11.58
CA ASP B 418 35.53 4.74 -12.65
C ASP B 418 36.78 4.04 -12.12
N GLN B 432 31.91 -21.92 -2.35
CA GLN B 432 31.87 -20.47 -2.20
C GLN B 432 30.45 -19.84 -2.20
N PRO B 433 29.47 -20.49 -1.52
CA PRO B 433 28.11 -19.91 -1.52
C PRO B 433 28.07 -18.63 -0.69
N ASN B 434 28.99 -18.59 0.27
CA ASN B 434 29.19 -17.54 1.27
C ASN B 434 30.14 -16.41 0.91
N GLN B 435 30.50 -16.26 -0.35
CA GLN B 435 31.34 -15.13 -0.74
C GLN B 435 30.76 -14.19 -1.81
N CYS B 436 31.04 -12.90 -1.64
CA CYS B 436 30.60 -11.87 -2.57
C CYS B 436 31.75 -11.37 -3.43
N VAL B 437 31.64 -11.58 -4.73
CA VAL B 437 32.62 -11.15 -5.70
C VAL B 437 32.43 -9.67 -6.15
N GLY B 438 33.51 -8.92 -6.34
CA GLY B 438 33.40 -7.55 -6.83
C GLY B 438 34.71 -7.11 -7.43
N HIS B 439 34.83 -5.85 -7.85
CA HIS B 439 36.11 -5.39 -8.41
C HIS B 439 37.11 -4.93 -7.35
N GLU B 441 38.11 -2.45 -5.58
CA GLU B 441 37.88 -1.02 -5.42
C GLU B 441 36.50 -0.74 -4.82
N ALA B 442 35.67 -1.77 -4.75
CA ALA B 442 34.33 -1.64 -4.25
C ALA B 442 34.30 -2.11 -2.79
N SER B 443 33.33 -1.65 -2.00
CA SER B 443 33.18 -2.17 -0.65
C SER B 443 31.96 -3.11 -0.70
N ILE B 444 32.04 -4.28 -0.10
CA ILE B 444 30.90 -5.20 -0.09
C ILE B 444 30.09 -5.19 1.20
N HIS B 445 28.77 -5.36 1.08
CA HIS B 445 27.92 -5.47 2.25
C HIS B 445 27.15 -6.77 2.08
N ALA B 446 27.45 -7.71 2.97
CA ALA B 446 26.87 -9.04 2.91
C ALA B 446 25.84 -9.24 3.99
N SER B 447 24.66 -9.70 3.59
CA SER B 447 23.65 -10.06 4.56
C SER B 447 23.91 -11.50 4.97
N CYS B 448 24.20 -11.70 6.25
CA CYS B 448 24.47 -13.05 6.78
C CYS B 448 23.39 -13.49 7.76
N CYS B 449 22.73 -14.60 7.43
CA CYS B 449 21.68 -15.10 8.30
C CYS B 449 21.92 -16.43 8.97
N HIS B 450 21.49 -16.50 10.22
CA HIS B 450 21.51 -17.73 10.99
C HIS B 450 20.07 -18.23 11.00
N ALA B 451 19.85 -19.30 10.24
CA ALA B 451 18.56 -19.94 10.08
C ALA B 451 18.79 -21.43 9.87
N PRO B 452 19.00 -22.18 10.95
CA PRO B 452 19.29 -23.62 10.88
C PRO B 452 18.40 -24.39 9.90
N GLY B 453 17.12 -24.06 9.85
CA GLY B 453 16.22 -24.68 8.90
C GLY B 453 16.25 -24.00 7.53
N LEU B 454 17.41 -23.53 7.09
CA LEU B 454 17.45 -22.86 5.79
C LEU B 454 18.65 -23.16 4.91
N GLU B 455 18.36 -23.44 3.65
CA GLU B 455 19.39 -23.73 2.67
C GLU B 455 19.40 -22.67 1.54
N CYS B 456 20.58 -22.19 1.15
CA CYS B 456 20.70 -21.22 0.06
C CYS B 456 21.66 -21.67 -1.01
N LYS B 457 21.34 -21.34 -2.25
CA LYS B 457 22.19 -21.65 -3.36
C LYS B 457 22.28 -20.43 -4.25
N VAL B 458 23.41 -20.30 -4.94
CA VAL B 458 23.71 -19.18 -5.81
C VAL B 458 23.75 -19.65 -7.27
N LYS B 459 22.95 -19.00 -8.09
CA LYS B 459 22.87 -19.33 -9.51
C LYS B 459 23.33 -18.16 -10.37
N GLU B 460 24.21 -18.44 -11.32
CA GLU B 460 24.76 -17.42 -12.22
C GLU B 460 24.38 -17.71 -13.65
N HIS B 461 24.16 -16.63 -14.38
CA HIS B 461 23.85 -16.69 -15.80
C HIS B 461 24.46 -15.46 -16.45
N GLY B 462 25.44 -15.67 -17.34
CA GLY B 462 26.10 -14.59 -18.04
C GLY B 462 25.96 -14.67 -19.56
N ILE B 463 25.78 -13.51 -20.20
CA ILE B 463 25.62 -13.40 -21.66
C ILE B 463 26.60 -12.39 -22.32
N GLN B 467 24.10 -6.24 -23.56
CA GLN B 467 22.69 -6.47 -23.85
C GLN B 467 21.76 -5.86 -22.79
N GLU B 468 20.67 -5.22 -23.23
CA GLU B 468 19.72 -4.53 -22.34
C GLU B 468 19.15 -5.28 -21.10
N GLN B 469 18.97 -6.59 -21.17
CA GLN B 469 18.43 -7.27 -20.00
C GLN B 469 18.79 -8.74 -19.96
N VAL B 470 19.30 -9.15 -18.80
CA VAL B 470 19.65 -10.53 -18.52
C VAL B 470 18.92 -11.00 -17.26
N THR B 471 18.35 -12.20 -17.30
CA THR B 471 17.63 -12.66 -16.13
C THR B 471 18.05 -14.07 -15.76
N VAL B 472 17.90 -14.40 -14.48
CA VAL B 472 18.13 -15.73 -13.94
C VAL B 472 17.09 -15.91 -12.85
N ALA B 473 16.34 -17.01 -12.91
CA ALA B 473 15.28 -17.27 -11.94
C ALA B 473 15.56 -18.43 -10.97
N CYS B 474 15.06 -18.31 -9.74
CA CYS B 474 15.16 -19.41 -8.82
C CYS B 474 14.23 -20.55 -9.27
N GLU B 475 14.57 -21.79 -8.94
CA GLU B 475 13.71 -22.92 -9.25
C GLU B 475 12.48 -22.94 -8.35
N GLU B 476 11.49 -23.73 -8.75
CA GLU B 476 10.25 -23.90 -8.00
C GLU B 476 10.54 -24.47 -6.64
N GLY B 477 9.94 -23.87 -5.62
CA GLY B 477 10.18 -24.25 -4.24
C GLY B 477 11.25 -23.39 -3.61
N TRP B 478 11.90 -22.56 -4.42
CA TRP B 478 12.98 -21.69 -3.93
C TRP B 478 12.55 -20.24 -3.99
N THR B 479 12.98 -19.47 -2.99
CA THR B 479 12.65 -18.07 -2.89
C THR B 479 13.87 -17.21 -3.20
N LEU B 480 13.73 -16.28 -4.12
CA LEU B 480 14.82 -15.36 -4.43
C LEU B 480 15.04 -14.41 -3.27
N THR B 481 16.23 -14.45 -2.65
CA THR B 481 16.55 -13.56 -1.53
C THR B 481 17.49 -12.43 -1.94
N GLY B 482 18.35 -12.69 -2.92
CA GLY B 482 19.30 -11.69 -3.35
C GLY B 482 19.48 -11.60 -4.84
N CYS B 483 19.65 -10.40 -5.35
CA CYS B 483 19.83 -10.27 -6.78
C CYS B 483 20.90 -9.22 -7.11
N SER B 484 21.92 -9.60 -7.88
CA SER B 484 22.97 -8.67 -8.27
C SER B 484 23.64 -9.01 -9.60
N ALA B 485 24.39 -8.06 -10.12
CA ALA B 485 25.12 -8.27 -11.35
C ALA B 485 26.63 -8.31 -11.11
N LEU B 486 27.36 -9.14 -11.85
CA LEU B 486 28.81 -9.10 -11.78
C LEU B 486 29.29 -8.03 -12.78
N PRO B 487 30.35 -7.29 -12.42
CA PRO B 487 30.92 -6.27 -13.32
C PRO B 487 31.53 -6.89 -14.57
N GLY B 488 31.16 -6.38 -15.75
CA GLY B 488 31.65 -6.94 -17.00
C GLY B 488 31.98 -5.88 -18.05
N THR B 489 32.07 -6.30 -19.31
CA THR B 489 32.40 -5.38 -20.39
C THR B 489 31.17 -4.66 -20.90
N SER B 490 30.26 -4.39 -19.96
CA SER B 490 29.02 -3.67 -20.22
C SER B 490 28.71 -2.90 -18.95
N HIS B 491 28.27 -1.66 -19.13
CA HIS B 491 27.92 -0.83 -17.99
C HIS B 491 26.52 -1.17 -17.47
N VAL B 492 26.45 -1.80 -16.31
CA VAL B 492 25.16 -2.18 -15.74
C VAL B 492 24.43 -0.99 -15.11
N LEU B 493 23.16 -0.87 -15.48
CA LEU B 493 22.27 0.16 -14.97
C LEU B 493 21.80 -0.22 -13.58
N GLY B 494 21.83 -1.52 -13.30
CA GLY B 494 21.41 -2.00 -12.01
C GLY B 494 20.73 -3.35 -12.05
N ALA B 495 20.40 -3.84 -10.87
CA ALA B 495 19.72 -5.10 -10.69
C ALA B 495 18.53 -5.01 -9.70
N TYR B 496 17.56 -5.89 -9.91
CA TYR B 496 16.37 -5.97 -9.06
C TYR B 496 15.69 -7.33 -9.23
N ALA B 497 15.00 -7.73 -8.20
CA ALA B 497 14.22 -8.96 -8.14
C ALA B 497 12.78 -8.69 -8.56
N VAL B 498 12.28 -9.48 -9.52
CA VAL B 498 10.88 -9.43 -9.97
C VAL B 498 10.33 -10.82 -9.60
N ASP B 499 9.64 -10.89 -8.46
CA ASP B 499 9.14 -12.16 -7.91
C ASP B 499 10.40 -13.01 -7.59
N ASN B 500 10.58 -14.17 -8.23
CA ASN B 500 11.78 -15.01 -8.04
C ASN B 500 12.75 -14.93 -9.20
N THR B 501 12.65 -13.87 -9.99
CA THR B 501 13.56 -13.70 -11.10
C THR B 501 14.47 -12.53 -10.82
N CYS B 502 15.78 -12.75 -11.00
CA CYS B 502 16.76 -11.69 -10.85
C CYS B 502 16.97 -11.02 -12.17
N VAL B 503 16.76 -9.72 -12.22
CA VAL B 503 16.93 -8.95 -13.44
C VAL B 503 18.08 -7.98 -13.37
N VAL B 504 18.96 -8.03 -14.37
CA VAL B 504 20.08 -7.10 -14.51
C VAL B 504 19.88 -6.31 -15.81
N ARG B 505 19.93 -5.00 -15.68
CA ARG B 505 19.75 -4.07 -16.79
C ARG B 505 21.10 -3.45 -17.17
N SER B 506 21.50 -3.48 -18.44
CA SER B 506 22.79 -2.90 -18.82
C SER B 506 22.67 -2.19 -20.15
N ARG B 507 23.64 -1.30 -20.41
CA ARG B 507 23.70 -0.54 -21.64
C ARG B 507 24.77 -1.11 -22.56
N ALA B 519 30.80 -8.71 -21.42
CA ALA B 519 29.69 -9.59 -21.09
C ALA B 519 28.90 -9.06 -19.89
N VAL B 520 27.72 -9.62 -19.65
CA VAL B 520 26.90 -9.25 -18.50
C VAL B 520 26.44 -10.50 -17.76
N THR B 521 26.62 -10.55 -16.44
CA THR B 521 26.21 -11.74 -15.71
C THR B 521 25.30 -11.44 -14.49
N ALA B 522 24.16 -12.12 -14.43
CA ALA B 522 23.21 -11.99 -13.33
C ALA B 522 23.44 -13.02 -12.24
N VAL B 523 23.34 -12.58 -10.99
CA VAL B 523 23.57 -13.48 -9.87
C VAL B 523 22.41 -13.52 -8.88
N ALA B 524 21.77 -14.69 -8.74
CA ALA B 524 20.63 -14.87 -7.85
C ALA B 524 20.94 -15.78 -6.67
N ILE B 525 20.66 -15.33 -5.44
CA ILE B 525 20.77 -16.19 -4.27
C ILE B 525 19.37 -16.70 -3.93
N CYS B 526 19.19 -18.02 -3.94
CA CYS B 526 17.90 -18.67 -3.72
C CYS B 526 17.88 -19.51 -2.45
N CYS B 527 16.85 -19.35 -1.63
CA CYS B 527 16.76 -20.07 -0.36
C CYS B 527 15.43 -20.78 -0.17
N ARG B 528 15.43 -21.79 0.70
CA ARG B 528 14.23 -22.54 1.04
C ARG B 528 14.41 -23.19 2.40
N SER B 529 13.29 -23.51 3.06
CA SER B 529 13.39 -24.22 4.33
C SER B 529 13.63 -25.71 4.08
N ARG B 530 14.23 -26.39 5.05
CA ARG B 530 14.41 -27.83 4.95
C ARG B 530 14.40 -28.45 6.33
C MCR C 1 -19.13 -0.46 -16.49
O MCR C 1 -18.75 -0.76 -15.38
CA MCR C 1 -19.61 -1.53 -17.43
S2 MCR C 1 -18.38 -2.85 -17.71
N PHE C 2 -19.15 0.82 -16.95
CA PHE C 2 -18.71 1.95 -16.14
C PHE C 2 -19.96 2.68 -15.73
N VAL C 3 -20.10 3.00 -14.43
CA VAL C 3 -21.30 3.72 -14.00
C VAL C 3 -20.87 5.05 -13.43
N PRO C 4 -21.66 6.16 -13.50
CA PRO C 4 -21.22 7.43 -12.95
C PRO C 4 -21.24 7.42 -11.44
N THR C 5 -21.73 6.33 -10.80
CA THR C 5 -21.75 6.32 -9.34
C THR C 5 -20.32 6.19 -8.88
N THR C 6 -19.38 5.79 -9.77
CA THR C 6 -17.99 5.69 -9.35
C THR C 6 -17.29 6.87 -10.01
N BIF C 7 -16.66 7.72 -9.18
CA BIF C 7 -15.96 8.90 -9.66
C BIF C 7 -14.74 8.54 -10.47
CB BIF C 7 -15.53 9.75 -8.43
CG BIF C 7 -14.98 11.13 -8.78
CD2 BIF C 7 -13.62 11.40 -8.68
CE2 BIF C 7 -13.12 12.66 -9.00
CZ BIF C 7 -13.99 13.67 -9.41
CE1 BIF C 7 -15.35 13.40 -9.51
CD1 BIF C 7 -15.84 12.14 -9.19
C8 BIF C 7 -13.66 17.40 -9.69
C9 BIF C 7 -12.49 17.51 -10.43
C10 BIF C 7 -11.82 16.36 -10.85
C11 BIF C 7 -12.32 15.11 -10.50
C12 BIF C 7 -13.49 15.00 -9.75
C13 BIF C 7 -14.16 16.14 -9.34
O BIF C 7 -14.01 7.71 -9.96
N MAA C 8 -14.45 9.06 -11.69
CM MAA C 8 -13.24 8.64 -12.39
CA MAA C 8 -15.36 10.06 -12.28
CB MAA C 8 -14.67 11.44 -12.26
C MAA C 8 -15.72 9.61 -13.67
O MAA C 8 -15.39 10.27 -14.64
N BIF C 9 -16.41 8.46 -13.78
CA BIF C 9 -16.77 7.94 -15.09
C BIF C 9 -18.18 8.30 -15.49
CB BIF C 9 -16.94 6.39 -15.01
CG BIF C 9 -15.72 5.55 -14.64
CD2 BIF C 9 -14.49 5.75 -15.25
CE2 BIF C 9 -13.41 4.95 -14.89
CZ BIF C 9 -13.55 3.95 -13.93
CE1 BIF C 9 -14.80 3.75 -13.32
CD1 BIF C 9 -15.88 4.55 -13.68
C8 BIF C 9 -11.48 0.94 -13.07
C9 BIF C 9 -10.22 1.50 -12.89
C10 BIF C 9 -10.06 2.88 -13.04
C11 BIF C 9 -11.14 3.69 -13.38
C12 BIF C 9 -12.39 3.11 -13.57
C13 BIF C 9 -12.57 1.74 -13.41
O BIF C 9 -18.95 8.54 -14.59
N MAA C 10 -18.57 8.29 -16.79
CM MAA C 10 -17.59 7.95 -17.83
CA MAA C 10 -19.99 8.56 -17.10
CB MAA C 10 -20.28 9.53 -18.28
C MAA C 10 -20.59 7.17 -17.33
O MAA C 10 -20.04 6.19 -16.85
N GLU C 11 -21.72 7.03 -18.05
CA GLU C 11 -22.27 5.69 -18.28
C GLU C 11 -21.59 5.17 -19.52
N ALA C 12 -20.77 4.09 -19.46
CA ALA C 12 -20.12 3.62 -20.67
C ALA C 12 -20.03 2.10 -20.70
N PRO C 13 -20.07 1.38 -21.85
CA PRO C 13 -19.99 -0.07 -21.79
C PRO C 13 -18.62 -0.53 -21.35
N ALA C 14 -18.55 -1.64 -20.59
CA ALA C 14 -17.24 -2.11 -20.15
C ALA C 14 -17.11 -3.55 -20.57
N NEH C 15 -15.97 -4.21 -20.34
CA NEH C 15 -15.84 -5.61 -20.75
CB NEH C 15 -16.33 -5.85 -22.20
CA CA D . 0.60 0.72 0.01
#